data_3JSZ
#
_entry.id   3JSZ
#
_cell.length_a   122.232
_cell.length_b   122.232
_cell.length_c   102.779
_cell.angle_alpha   90.00
_cell.angle_beta   90.00
_cell.angle_gamma   120.00
#
_symmetry.space_group_name_H-M   'H 3'
#
loop_
_entity.id
_entity.type
_entity.pdbx_description
1 polymer 'Putative uncharacterized protein'
2 non-polymer "URIDINE-5'-DIPHOSPHATE-GLUCOSE"
3 non-polymer 'MAGNESIUM ION'
4 water water
#
_entity_poly.entity_id   1
_entity_poly.type   'polypeptide(L)'
_entity_poly.pdbx_seq_one_letter_code
;(MSE)KARRSNELSKLR(MSE)RFFSALNHTSEIDLHTLFDNLKSNLTLGSIEHLQEGSVTYAIIQELLKGADAQKKIES
FLKGAIKNVIHPGVIKGLTPNEINWNVAKAYPEYYEHEKLPDVTFGGFKVRDSNEFKFKTNVQTSIWFSIKPELF(MSE)
PSKQQEALKRRREQYPGCKIRLIYSSSLLNPEANRQ(MSE)KAFAKKQNISLIDIDSVKTDSPLYPLIKAELANLG
(MSE)GGNPAAASDLCRWIPELFNEGFYVDIDLPVDSSKIVEGHQITGGVPI(MSE)LN(MSE)GSIISEPIAPHHRRQE
AVC(MSE)ATDIIAYANDRETQV(MSE)(MSE)DTVALHLKNIYDDPYTALKDTPLAQTAFFNRCEEEGKNIFELRKGLQ
DAFRSDSLLELYVFLGPAKFKEVFKLKETQIKYIDDHISEFNEHDLLLHLISDNPSEINQHTLDFGRAKV(MSE)Y
(MSE)DIAKEHYSAFYKPLVEEISGPGAIYNALGGASNFTTTHRRSTGP(MSE)LPTTPPRVLQVFCDAHDKGPFVSDNI
ARWQTNVRELGVLNREGLSWLPSVG
;
_entity_poly.pdbx_strand_id   A
#
loop_
_chem_comp.id
_chem_comp.type
_chem_comp.name
_chem_comp.formula
MG non-polymer 'MAGNESIUM ION' 'Mg 2'
UPG non-polymer URIDINE-5'-DIPHOSPHATE-GLUCOSE 'C15 H24 N2 O17 P2'
#
# COMPACT_ATOMS: atom_id res chain seq x y z
N SER A 6 28.18 -34.40 -14.18
CA SER A 6 28.08 -33.02 -14.72
C SER A 6 28.07 -31.98 -13.62
N ASN A 7 28.24 -30.71 -14.00
CA ASN A 7 28.21 -29.60 -13.06
C ASN A 7 26.83 -29.39 -12.44
N GLU A 8 25.78 -29.76 -13.18
CA GLU A 8 24.41 -29.65 -12.67
C GLU A 8 24.22 -30.51 -11.43
N LEU A 9 24.63 -31.77 -11.51
CA LEU A 9 24.54 -32.70 -10.38
C LEU A 9 25.43 -32.23 -9.23
N SER A 10 26.62 -31.75 -9.56
CA SER A 10 27.55 -31.18 -8.57
C SER A 10 26.96 -29.99 -7.83
N LYS A 11 26.33 -29.07 -8.57
CA LYS A 11 25.67 -27.91 -7.98
C LYS A 11 24.53 -28.33 -7.05
N LEU A 12 23.66 -29.20 -7.53
CA LEU A 12 22.58 -29.74 -6.75
C LEU A 12 23.09 -30.33 -5.45
N ARG A 13 24.10 -31.30 -5.54
N ARG A 13 24.14 -31.27 -5.52
CA ARG A 13 24.78 -31.84 -4.36
CA ARG A 13 24.71 -31.91 -4.33
C ARG A 13 25.35 -30.96 -3.30
C ARG A 13 25.27 -30.91 -3.32
N MSE A 14 25.96 -29.89 -3.79
CA MSE A 14 26.51 -28.86 -2.91
C MSE A 14 25.42 -28.06 -2.20
O MSE A 14 25.52 -27.80 -1.01
CB MSE A 14 27.43 -27.93 -3.69
CG MSE A 14 28.73 -28.61 -3.98
SE MSE A 14 29.92 -27.49 -4.99
CE MSE A 14 30.02 -25.97 -3.76
N ARG A 15 24.37 -27.72 -2.93
CA ARG A 15 23.23 -27.03 -2.33
C ARG A 15 22.58 -27.87 -1.23
N PHE A 16 22.43 -29.17 -1.49
CA PHE A 16 21.82 -30.09 -0.54
C PHE A 16 22.63 -30.20 0.76
N PHE A 17 23.94 -30.35 0.64
CA PHE A 17 24.78 -30.49 1.82
C PHE A 17 24.78 -29.19 2.66
N SER A 18 24.80 -28.05 1.98
CA SER A 18 24.68 -26.74 2.64
C SER A 18 23.34 -26.63 3.38
N ALA A 19 22.25 -26.93 2.69
CA ALA A 19 20.90 -26.86 3.29
C ALA A 19 20.82 -27.66 4.58
N LEU A 20 21.36 -28.87 4.59
CA LEU A 20 21.31 -29.72 5.78
C LEU A 20 22.51 -29.59 6.70
N ASN A 21 23.19 -28.45 6.62
CA ASN A 21 24.17 -28.07 7.64
C ASN A 21 25.37 -29.03 7.72
N HIS A 22 25.69 -29.68 6.59
CA HIS A 22 26.82 -30.62 6.53
C HIS A 22 26.84 -31.66 7.66
N THR A 23 25.66 -32.08 8.13
CA THR A 23 25.60 -32.96 9.29
C THR A 23 26.28 -34.32 9.03
N SER A 24 26.96 -34.83 10.05
CA SER A 24 27.55 -36.17 10.03
C SER A 24 26.78 -37.13 10.95
N GLU A 25 25.64 -36.69 11.45
CA GLU A 25 24.79 -37.52 12.32
C GLU A 25 24.11 -38.61 11.49
N ILE A 26 23.84 -38.30 10.23
CA ILE A 26 23.48 -39.30 9.24
C ILE A 26 24.44 -39.17 8.05
N ASP A 27 24.35 -40.11 7.12
CA ASP A 27 25.12 -40.09 5.88
C ASP A 27 24.37 -39.28 4.83
N LEU A 28 24.82 -38.05 4.60
CA LEU A 28 24.17 -37.19 3.60
C LEU A 28 24.40 -37.66 2.17
N HIS A 29 25.49 -38.39 1.92
CA HIS A 29 25.72 -38.91 0.58
C HIS A 29 24.65 -39.91 0.20
N THR A 30 24.39 -40.86 1.08
CA THR A 30 23.34 -41.85 0.87
C THR A 30 21.99 -41.16 0.73
N LEU A 31 21.72 -40.21 1.61
CA LEU A 31 20.43 -39.51 1.57
C LEU A 31 20.27 -38.78 0.25
N PHE A 32 21.30 -38.01 -0.14
CA PHE A 32 21.26 -37.28 -1.40
C PHE A 32 21.04 -38.23 -2.56
N ASP A 33 21.85 -39.28 -2.61
CA ASP A 33 21.75 -40.26 -3.70
C ASP A 33 20.34 -40.87 -3.78
N ASN A 34 19.72 -41.10 -2.63
CA ASN A 34 18.38 -41.69 -2.61
C ASN A 34 17.24 -40.72 -2.94
N LEU A 35 17.51 -39.42 -2.86
CA LEU A 35 16.50 -38.40 -3.19
C LEU A 35 16.70 -37.74 -4.57
N LYS A 36 17.90 -37.87 -5.14
CA LYS A 36 18.27 -37.03 -6.28
C LYS A 36 17.39 -37.19 -7.52
N SER A 37 16.75 -38.35 -7.69
CA SER A 37 15.84 -38.58 -8.82
C SER A 37 14.67 -37.58 -8.86
N ASN A 38 14.28 -37.05 -7.70
CA ASN A 38 13.17 -36.09 -7.63
C ASN A 38 13.58 -34.78 -6.94
N LEU A 39 14.84 -34.42 -7.07
CA LEU A 39 15.39 -33.26 -6.37
C LEU A 39 15.82 -32.21 -7.38
N THR A 40 15.35 -30.98 -7.16
CA THR A 40 15.74 -29.83 -7.97
C THR A 40 16.30 -28.76 -7.04
N LEU A 41 17.06 -27.82 -7.59
CA LEU A 41 17.57 -26.68 -6.81
C LEU A 41 16.44 -25.94 -6.11
N GLY A 42 15.31 -25.77 -6.81
CA GLY A 42 14.15 -25.08 -6.28
C GLY A 42 13.59 -25.69 -5.01
N SER A 43 13.61 -27.02 -4.92
CA SER A 43 13.12 -27.71 -3.74
C SER A 43 14.06 -27.55 -2.56
N ILE A 44 15.36 -27.48 -2.81
CA ILE A 44 16.35 -27.46 -1.74
C ILE A 44 16.23 -26.23 -0.84
N GLU A 45 15.79 -25.11 -1.39
CA GLU A 45 15.52 -23.92 -0.59
C GLU A 45 14.62 -24.23 0.63
N HIS A 46 13.65 -25.13 0.44
CA HIS A 46 12.64 -25.42 1.46
C HIS A 46 13.07 -26.50 2.45
N LEU A 47 14.33 -26.92 2.34
CA LEU A 47 14.99 -27.80 3.30
C LEU A 47 15.95 -27.05 4.23
N GLN A 48 16.15 -25.75 3.99
CA GLN A 48 17.18 -24.96 4.70
C GLN A 48 16.80 -24.63 6.12
N GLU A 49 17.80 -24.33 6.95
CA GLU A 49 17.55 -23.87 8.30
C GLU A 49 16.58 -22.71 8.30
N GLY A 50 15.57 -22.75 9.17
CA GLY A 50 14.48 -21.78 9.17
C GLY A 50 13.19 -22.35 8.62
N SER A 51 13.27 -23.47 7.92
CA SER A 51 12.10 -24.11 7.34
C SER A 51 11.50 -25.12 8.31
N VAL A 52 10.24 -25.44 8.08
CA VAL A 52 9.56 -26.50 8.81
C VAL A 52 10.26 -27.83 8.53
N THR A 53 10.61 -28.08 7.27
CA THR A 53 11.25 -29.34 6.89
C THR A 53 12.56 -29.56 7.65
N TYR A 54 13.37 -28.51 7.73
CA TYR A 54 14.61 -28.58 8.50
C TYR A 54 14.35 -28.88 9.96
N ALA A 55 13.32 -28.25 10.53
CA ALA A 55 13.00 -28.41 11.94
C ALA A 55 12.62 -29.86 12.25
N ILE A 56 11.86 -30.46 11.34
CA ILE A 56 11.46 -31.86 11.46
C ILE A 56 12.69 -32.77 11.37
N ILE A 57 13.57 -32.49 10.42
CA ILE A 57 14.80 -33.27 10.27
C ILE A 57 15.61 -33.25 11.57
N GLN A 58 15.73 -32.07 12.19
CA GLN A 58 16.53 -31.93 13.41
C GLN A 58 15.99 -32.78 14.55
N GLU A 59 14.68 -32.93 14.63
CA GLU A 59 14.13 -33.77 15.70
CA GLU A 59 14.14 -33.80 15.66
C GLU A 59 14.28 -35.28 15.30
N LEU A 60 14.14 -35.59 14.04
CA LEU A 60 14.36 -36.98 13.61
C LEU A 60 15.81 -37.43 13.85
N LEU A 61 16.77 -36.52 13.74
CA LEU A 61 18.18 -36.85 14.01
C LEU A 61 18.42 -37.37 15.43
N LYS A 62 17.56 -37.00 16.37
CA LYS A 62 17.73 -37.37 17.78
C LYS A 62 17.18 -38.74 18.10
N GLY A 63 16.38 -39.28 17.19
CA GLY A 63 15.74 -40.58 17.41
C GLY A 63 16.48 -41.70 16.71
N ALA A 64 16.08 -42.93 17.03
CA ALA A 64 16.63 -44.11 16.35
C ALA A 64 16.20 -44.15 14.89
N ASP A 65 16.93 -44.93 14.10
CA ASP A 65 16.62 -45.17 12.71
C ASP A 65 16.50 -43.86 11.92
N ALA A 66 17.31 -42.87 12.28
CA ALA A 66 17.21 -41.53 11.70
C ALA A 66 17.45 -41.50 10.19
N GLN A 67 18.43 -42.27 9.72
CA GLN A 67 18.74 -42.32 8.29
C GLN A 67 17.51 -42.69 7.47
N LYS A 68 16.83 -43.76 7.87
CA LYS A 68 15.67 -44.24 7.13
C LYS A 68 14.46 -43.32 7.31
N LYS A 69 14.22 -42.87 8.54
CA LYS A 69 13.05 -42.02 8.82
C LYS A 69 13.15 -40.69 8.07
N ILE A 70 14.35 -40.13 8.01
CA ILE A 70 14.56 -38.87 7.29
C ILE A 70 14.40 -39.07 5.79
N GLU A 71 14.92 -40.18 5.25
CA GLU A 71 14.72 -40.47 3.84
C GLU A 71 13.23 -40.62 3.49
N SER A 72 12.48 -41.36 4.32
CA SER A 72 11.06 -41.57 4.03
C SER A 72 10.28 -40.26 4.11
N PHE A 73 10.61 -39.45 5.12
CA PHE A 73 9.98 -38.14 5.28
C PHE A 73 10.24 -37.25 4.08
N LEU A 74 11.52 -37.08 3.71
CA LEU A 74 11.88 -36.19 2.61
C LEU A 74 11.37 -36.65 1.25
N LYS A 75 11.37 -37.95 0.99
CA LYS A 75 10.87 -38.43 -0.30
C LYS A 75 9.44 -37.98 -0.50
N GLY A 76 8.61 -38.23 0.51
CA GLY A 76 7.21 -37.86 0.47
C GLY A 76 7.01 -36.36 0.50
N ALA A 77 7.74 -35.67 1.37
CA ALA A 77 7.57 -34.21 1.50
C ALA A 77 7.91 -33.51 0.18
N ILE A 78 8.99 -33.95 -0.46
CA ILE A 78 9.40 -33.39 -1.74
C ILE A 78 8.38 -33.72 -2.85
N LYS A 79 8.02 -35.00 -2.97
CA LYS A 79 7.11 -35.43 -4.03
C LYS A 79 5.71 -34.82 -3.91
N ASN A 80 5.18 -34.79 -2.69
CA ASN A 80 3.77 -34.49 -2.48
C ASN A 80 3.47 -33.05 -2.10
N VAL A 81 4.46 -32.35 -1.53
CA VAL A 81 4.24 -31.02 -0.98
C VAL A 81 5.17 -29.96 -1.58
N ILE A 82 6.49 -30.16 -1.46
CA ILE A 82 7.47 -29.14 -1.83
C ILE A 82 7.57 -28.93 -3.34
N HIS A 83 7.83 -30.01 -4.09
CA HIS A 83 7.98 -29.84 -5.53
C HIS A 83 6.70 -29.33 -6.20
N PRO A 84 5.52 -29.88 -5.83
CA PRO A 84 4.28 -29.32 -6.38
C PRO A 84 4.09 -27.86 -6.00
N GLY A 85 4.49 -27.47 -4.81
CA GLY A 85 4.43 -26.08 -4.38
C GLY A 85 5.35 -25.16 -5.16
N VAL A 86 6.57 -25.62 -5.41
CA VAL A 86 7.55 -24.84 -6.16
C VAL A 86 7.04 -24.53 -7.57
N ILE A 87 6.50 -25.56 -8.24
CA ILE A 87 6.00 -25.45 -9.60
C ILE A 87 4.81 -24.48 -9.71
N LYS A 88 4.00 -24.43 -8.65
CA LYS A 88 2.80 -23.60 -8.58
C LYS A 88 3.13 -22.13 -8.23
N GLY A 89 4.36 -21.88 -7.77
CA GLY A 89 4.79 -20.54 -7.39
C GLY A 89 4.55 -20.20 -5.93
N LEU A 90 4.41 -21.22 -5.08
CA LEU A 90 4.27 -20.99 -3.65
C LEU A 90 5.52 -20.41 -3.04
N THR A 91 5.35 -19.58 -2.01
CA THR A 91 6.46 -19.03 -1.23
C THR A 91 6.98 -20.03 -0.21
N PRO A 92 8.16 -19.77 0.37
CA PRO A 92 8.60 -20.58 1.49
C PRO A 92 7.62 -20.67 2.66
N ASN A 93 6.96 -19.56 3.00
CA ASN A 93 5.95 -19.58 4.05
C ASN A 93 4.81 -20.53 3.71
N GLU A 94 4.35 -20.45 2.47
CA GLU A 94 3.22 -21.27 2.03
C GLU A 94 3.58 -22.75 2.01
N ILE A 95 4.78 -23.06 1.52
CA ILE A 95 5.29 -24.44 1.56
C ILE A 95 5.49 -24.93 3.00
N ASN A 96 6.01 -24.08 3.89
CA ASN A 96 6.14 -24.45 5.31
C ASN A 96 4.81 -24.86 5.93
N TRP A 97 3.77 -24.08 5.64
CA TRP A 97 2.44 -24.38 6.14
C TRP A 97 1.92 -25.72 5.58
N ASN A 98 2.11 -25.91 4.28
CA ASN A 98 1.66 -27.14 3.64
C ASN A 98 2.40 -28.38 4.14
N VAL A 99 3.69 -28.23 4.46
CA VAL A 99 4.43 -29.32 5.07
C VAL A 99 3.89 -29.62 6.47
N ALA A 100 3.70 -28.58 7.30
CA ALA A 100 3.15 -28.76 8.65
C ALA A 100 1.78 -29.47 8.60
N LYS A 101 0.95 -29.08 7.64
CA LYS A 101 -0.37 -29.71 7.49
C LYS A 101 -0.28 -31.19 7.07
N ALA A 102 0.67 -31.49 6.18
CA ALA A 102 0.88 -32.85 5.71
C ALA A 102 1.51 -33.79 6.75
N TYR A 103 2.21 -33.24 7.73
CA TYR A 103 2.94 -34.02 8.73
C TYR A 103 2.64 -33.59 10.17
N PRO A 104 1.37 -33.69 10.57
CA PRO A 104 0.98 -33.32 11.93
C PRO A 104 1.68 -34.17 12.99
N GLU A 105 2.09 -35.39 12.64
CA GLU A 105 2.84 -36.26 13.54
C GLU A 105 4.25 -35.75 13.84
N TYR A 106 4.75 -34.84 13.01
CA TYR A 106 6.10 -34.27 13.13
C TYR A 106 6.14 -32.78 13.45
N TYR A 107 5.00 -32.10 13.37
CA TYR A 107 5.01 -30.67 13.59
C TYR A 107 3.70 -30.23 14.22
N GLU A 108 3.80 -29.76 15.46
CA GLU A 108 2.64 -29.34 16.21
C GLU A 108 2.25 -27.94 15.74
N HIS A 109 0.99 -27.77 15.37
CA HIS A 109 0.50 -26.45 14.96
C HIS A 109 -1.00 -26.31 15.20
N GLU A 110 -1.43 -25.06 15.35
CA GLU A 110 -2.83 -24.70 15.48
C GLU A 110 -3.49 -24.64 14.10
N LYS A 111 -4.82 -24.59 14.07
CA LYS A 111 -5.56 -24.53 12.82
C LYS A 111 -5.48 -23.13 12.22
N LEU A 112 -5.80 -23.04 10.94
CA LEU A 112 -5.87 -21.75 10.26
C LEU A 112 -6.98 -20.92 10.90
N PRO A 113 -6.64 -19.74 11.46
CA PRO A 113 -7.74 -18.94 12.00
C PRO A 113 -8.67 -18.36 10.94
N ASP A 114 -9.86 -17.97 11.39
CA ASP A 114 -10.90 -17.40 10.56
C ASP A 114 -10.65 -15.89 10.44
N VAL A 115 -10.20 -15.46 9.27
CA VAL A 115 -9.90 -14.06 8.99
C VAL A 115 -10.69 -13.60 7.76
N THR A 116 -11.39 -12.48 7.89
CA THR A 116 -12.18 -11.92 6.80
C THR A 116 -11.45 -10.72 6.19
N PHE A 117 -11.32 -10.75 4.86
CA PHE A 117 -10.59 -9.73 4.12
C PHE A 117 -11.44 -9.42 2.89
N GLY A 118 -11.93 -8.19 2.78
CA GLY A 118 -12.76 -7.81 1.64
C GLY A 118 -14.01 -8.66 1.48
N GLY A 119 -14.63 -9.01 2.61
CA GLY A 119 -15.84 -9.85 2.60
C GLY A 119 -15.61 -11.30 2.26
N PHE A 120 -14.36 -11.74 2.34
CA PHE A 120 -13.98 -13.08 1.93
C PHE A 120 -13.16 -13.72 3.05
N LYS A 121 -13.40 -15.01 3.33
CA LYS A 121 -12.60 -15.73 4.33
C LYS A 121 -11.30 -16.17 3.67
N VAL A 122 -10.17 -15.76 4.26
CA VAL A 122 -8.86 -16.02 3.66
C VAL A 122 -8.65 -17.52 3.64
N ARG A 123 -8.23 -18.04 2.50
CA ARG A 123 -8.02 -19.48 2.30
C ARG A 123 -6.54 -19.84 2.32
N ASP A 124 -6.26 -21.10 2.63
CA ASP A 124 -4.89 -21.64 2.56
C ASP A 124 -4.75 -22.68 1.44
N SER A 125 -5.72 -22.70 0.53
CA SER A 125 -5.75 -23.62 -0.58
C SER A 125 -4.78 -23.28 -1.71
N ASN A 126 -4.17 -22.10 -1.66
CA ASN A 126 -3.32 -21.57 -2.75
C ASN A 126 -4.05 -21.50 -4.08
N GLU A 127 -5.38 -21.33 -4.04
CA GLU A 127 -6.19 -21.49 -5.24
C GLU A 127 -6.25 -20.27 -6.16
N PHE A 128 -5.98 -19.08 -5.62
CA PHE A 128 -6.00 -17.87 -6.46
C PHE A 128 -4.64 -17.68 -7.11
N LYS A 129 -4.64 -17.55 -8.44
CA LYS A 129 -3.42 -17.47 -9.24
C LYS A 129 -3.30 -16.09 -9.85
N PHE A 130 -2.08 -15.56 -9.80
CA PHE A 130 -1.78 -14.20 -10.24
C PHE A 130 -0.59 -14.19 -11.20
N LYS A 131 -0.71 -13.42 -12.28
CA LYS A 131 0.38 -13.24 -13.25
C LYS A 131 1.30 -12.09 -12.84
N THR A 132 2.62 -12.31 -12.82
CA THR A 132 3.56 -11.24 -12.44
C THR A 132 4.11 -10.50 -13.67
N ASN A 133 3.77 -11.02 -14.84
CA ASN A 133 4.29 -10.54 -16.13
C ASN A 133 3.31 -9.65 -16.89
N VAL A 134 2.22 -9.24 -16.23
CA VAL A 134 1.28 -8.28 -16.78
C VAL A 134 1.20 -7.16 -15.75
N GLN A 135 1.53 -5.95 -16.18
CA GLN A 135 1.63 -4.80 -15.28
C GLN A 135 0.92 -3.61 -15.87
N THR A 136 0.11 -2.95 -15.06
CA THR A 136 -0.61 -1.78 -15.50
C THR A 136 -0.26 -0.60 -14.59
N SER A 137 0.00 0.54 -15.22
CA SER A 137 0.23 1.79 -14.51
C SER A 137 -0.64 2.89 -15.12
N ILE A 138 -0.63 4.06 -14.49
CA ILE A 138 -1.57 5.12 -14.82
C ILE A 138 -0.85 6.46 -14.84
N TRP A 139 -1.05 7.26 -15.88
CA TRP A 139 -0.54 8.63 -15.87
C TRP A 139 -1.50 9.63 -16.50
N PHE A 140 -2.07 10.47 -15.65
CA PHE A 140 -2.94 11.56 -16.07
C PHE A 140 -2.15 12.86 -15.98
N SER A 141 -1.93 13.52 -17.12
CA SER A 141 -1.12 14.74 -17.10
C SER A 141 -1.92 15.97 -16.69
N ILE A 142 -1.35 16.78 -15.79
CA ILE A 142 -1.93 18.07 -15.44
C ILE A 142 -1.40 19.22 -16.32
N LYS A 143 -0.49 18.90 -17.24
CA LYS A 143 0.06 19.85 -18.20
C LYS A 143 -0.26 19.38 -19.61
N PRO A 144 -1.21 20.03 -20.30
CA PRO A 144 -1.61 19.58 -21.64
C PRO A 144 -0.50 19.42 -22.69
N GLU A 145 0.62 20.12 -22.52
CA GLU A 145 1.73 20.08 -23.50
C GLU A 145 2.67 18.91 -23.24
N LEU A 146 2.50 18.22 -22.12
CA LEU A 146 3.44 17.19 -21.67
C LEU A 146 2.73 15.87 -21.44
N PHE A 147 2.92 14.89 -22.32
CA PHE A 147 2.21 13.60 -22.17
C PHE A 147 2.60 12.90 -20.87
N MSE A 148 3.89 12.97 -20.54
CA MSE A 148 4.44 12.37 -19.33
C MSE A 148 5.82 12.98 -19.11
O MSE A 148 6.54 13.17 -20.09
CB MSE A 148 4.58 10.86 -19.57
CG MSE A 148 5.24 10.09 -18.50
SE MSE A 148 5.29 8.21 -19.05
CE MSE A 148 3.38 8.03 -19.17
N PRO A 149 6.20 13.28 -17.85
CA PRO A 149 7.56 13.79 -17.64
C PRO A 149 8.65 12.74 -17.88
N SER A 150 9.89 13.19 -18.02
CA SER A 150 11.02 12.29 -18.30
C SER A 150 11.20 11.18 -17.25
N LYS A 151 11.00 11.50 -15.97
CA LYS A 151 11.18 10.51 -14.90
C LYS A 151 10.30 9.29 -15.16
N GLN A 152 9.04 9.56 -15.50
CA GLN A 152 8.07 8.48 -15.72
C GLN A 152 8.35 7.72 -17.02
N GLN A 153 8.72 8.44 -18.08
CA GLN A 153 9.11 7.79 -19.34
C GLN A 153 10.28 6.85 -19.10
N GLU A 154 11.27 7.33 -18.35
CA GLU A 154 12.46 6.52 -18.12
C GLU A 154 12.14 5.29 -17.28
N ALA A 155 11.23 5.43 -16.32
CA ALA A 155 10.82 4.32 -15.49
C ALA A 155 10.20 3.21 -16.33
N LEU A 156 9.34 3.59 -17.27
CA LEU A 156 8.70 2.60 -18.15
C LEU A 156 9.70 1.94 -19.09
N LYS A 157 10.64 2.72 -19.64
CA LYS A 157 11.69 2.15 -20.48
C LYS A 157 12.51 1.15 -19.69
N ARG A 158 12.87 1.52 -18.47
CA ARG A 158 13.69 0.66 -17.61
C ARG A 158 12.98 -0.66 -17.30
N ARG A 159 11.67 -0.63 -17.17
CA ARG A 159 10.89 -1.86 -17.04
C ARG A 159 10.78 -2.63 -18.36
N ARG A 160 10.61 -1.96 -19.48
CA ARG A 160 10.44 -2.63 -20.77
C ARG A 160 11.73 -3.25 -21.30
N GLU A 161 12.83 -2.51 -21.22
CA GLU A 161 14.13 -2.99 -21.71
C GLU A 161 14.66 -4.15 -20.87
N GLN A 162 14.46 -4.07 -19.55
CA GLN A 162 14.85 -5.11 -18.64
C GLN A 162 13.99 -6.32 -18.87
N TYR A 163 12.69 -6.10 -19.09
CA TYR A 163 11.73 -7.21 -19.18
C TYR A 163 10.77 -7.24 -20.30
N PRO A 164 11.08 -8.03 -21.28
CA PRO A 164 9.95 -8.76 -21.77
C PRO A 164 10.03 -10.06 -21.08
N GLY A 165 9.15 -10.89 -21.54
CA GLY A 165 8.17 -10.36 -22.42
C GLY A 165 7.07 -9.90 -21.49
N CYS A 166 7.33 -8.94 -20.62
CA CYS A 166 6.25 -8.40 -19.77
CA CYS A 166 6.20 -8.53 -19.78
C CYS A 166 5.25 -7.62 -20.59
N LYS A 167 3.97 -7.77 -20.32
CA LYS A 167 2.95 -6.93 -20.92
C LYS A 167 2.83 -5.70 -20.03
N ILE A 168 2.98 -4.52 -20.63
CA ILE A 168 2.87 -3.26 -19.91
C ILE A 168 1.67 -2.52 -20.47
N ARG A 169 0.72 -2.18 -19.59
CA ARG A 169 -0.47 -1.42 -19.96
C ARG A 169 -0.41 -0.07 -19.27
N LEU A 170 -0.87 0.96 -19.96
CA LEU A 170 -0.86 2.33 -19.42
C LEU A 170 -2.21 3.00 -19.65
N ILE A 171 -2.83 3.42 -18.55
CA ILE A 171 -4.05 4.20 -18.62
C ILE A 171 -3.67 5.68 -18.58
N TYR A 172 -4.24 6.46 -19.48
CA TYR A 172 -4.07 7.90 -19.54
C TYR A 172 -5.38 8.55 -19.97
N SER A 173 -5.38 9.87 -20.04
CA SER A 173 -6.52 10.62 -20.59
C SER A 173 -6.11 11.46 -21.78
N SER A 174 -6.72 11.20 -22.94
CA SER A 174 -6.44 11.99 -24.13
C SER A 174 -6.96 13.41 -24.01
N SER A 175 -8.07 13.60 -23.30
CA SER A 175 -8.69 14.93 -23.17
C SER A 175 -7.80 15.89 -22.40
N LEU A 176 -6.92 15.34 -21.56
CA LEU A 176 -6.01 16.17 -20.78
C LEU A 176 -4.81 16.65 -21.57
N LEU A 177 -4.62 16.11 -22.78
CA LEU A 177 -3.46 16.42 -23.59
C LEU A 177 -3.86 17.20 -24.84
N ASN A 178 -2.99 18.13 -25.26
CA ASN A 178 -3.18 18.78 -26.55
C ASN A 178 -2.85 17.80 -27.69
N PRO A 179 -3.19 18.15 -28.95
CA PRO A 179 -2.98 17.19 -30.02
C PRO A 179 -1.54 16.69 -30.18
N GLU A 180 -0.56 17.57 -30.02
CA GLU A 180 0.84 17.15 -30.16
C GLU A 180 1.24 16.16 -29.06
N ALA A 181 0.83 16.45 -27.82
CA ALA A 181 1.18 15.59 -26.69
C ALA A 181 0.52 14.22 -26.84
N ASN A 182 -0.72 14.20 -27.36
CA ASN A 182 -1.43 12.96 -27.67
CA ASN A 182 -1.41 12.95 -27.63
C ASN A 182 -0.71 12.10 -28.69
N ARG A 183 -0.23 12.75 -29.77
CA ARG A 183 0.56 12.06 -30.78
C ARG A 183 1.85 11.50 -30.17
N GLN A 184 2.49 12.28 -29.31
CA GLN A 184 3.72 11.85 -28.64
C GLN A 184 3.46 10.65 -27.73
N MSE A 185 2.35 10.71 -27.00
CA MSE A 185 1.95 9.57 -26.15
C MSE A 185 1.78 8.30 -26.96
O MSE A 185 2.29 7.24 -26.60
CB MSE A 185 0.65 9.87 -25.39
CG MSE A 185 0.10 8.66 -24.63
SE MSE A 185 1.31 8.03 -23.19
CE MSE A 185 0.56 9.06 -21.75
N LYS A 186 1.04 8.39 -28.07
CA LYS A 186 0.81 7.23 -28.90
C LYS A 186 2.11 6.70 -29.50
N ALA A 187 3.00 7.61 -29.91
CA ALA A 187 4.30 7.22 -30.48
C ALA A 187 5.18 6.51 -29.45
N PHE A 188 5.22 7.08 -28.23
CA PHE A 188 5.94 6.49 -27.12
C PHE A 188 5.45 5.07 -26.83
N ALA A 189 4.13 4.90 -26.74
CA ALA A 189 3.54 3.61 -26.40
C ALA A 189 3.85 2.58 -27.48
N LYS A 190 3.75 2.97 -28.75
CA LYS A 190 4.09 2.06 -29.85
C LYS A 190 5.57 1.64 -29.79
N LYS A 191 6.45 2.61 -29.62
CA LYS A 191 7.88 2.32 -29.57
C LYS A 191 8.24 1.38 -28.41
N GLN A 192 7.56 1.55 -27.28
CA GLN A 192 7.86 0.75 -26.08
C GLN A 192 6.99 -0.50 -25.94
N ASN A 193 6.16 -0.79 -26.95
CA ASN A 193 5.27 -1.95 -26.92
C ASN A 193 4.37 -1.91 -25.66
N ILE A 194 3.78 -0.75 -25.42
CA ILE A 194 2.88 -0.54 -24.30
C ILE A 194 1.45 -0.45 -24.83
N SER A 195 0.56 -1.20 -24.20
CA SER A 195 -0.87 -1.15 -24.52
CA SER A 195 -0.86 -1.15 -24.51
C SER A 195 -1.50 0.07 -23.85
N LEU A 196 -2.00 0.98 -24.67
CA LEU A 196 -2.53 2.23 -24.19
C LEU A 196 -4.03 2.14 -23.97
N ILE A 197 -4.50 2.63 -22.85
CA ILE A 197 -5.93 2.68 -22.52
C ILE A 197 -6.34 4.12 -22.20
N ASP A 198 -7.24 4.68 -23.01
CA ASP A 198 -7.74 6.03 -22.82
C ASP A 198 -8.94 5.97 -21.90
N ILE A 199 -8.79 6.51 -20.69
CA ILE A 199 -9.88 6.52 -19.71
C ILE A 199 -11.12 7.27 -20.20
N ASP A 200 -10.97 8.14 -21.20
CA ASP A 200 -12.07 8.98 -21.67
C ASP A 200 -13.20 8.21 -22.33
N SER A 201 -12.88 7.04 -22.87
CA SER A 201 -13.84 6.21 -23.60
C SER A 201 -13.70 4.75 -23.21
N VAL A 202 -14.05 4.46 -21.95
CA VAL A 202 -14.08 3.12 -21.41
C VAL A 202 -15.52 2.67 -21.32
N LYS A 203 -15.77 1.40 -21.61
CA LYS A 203 -17.09 0.82 -21.45
C LYS A 203 -17.13 0.16 -20.08
N THR A 204 -17.95 0.70 -19.19
CA THR A 204 -18.08 0.13 -17.85
C THR A 204 -19.32 0.67 -17.20
N ASP A 205 -19.92 -0.14 -16.33
CA ASP A 205 -21.07 0.27 -15.52
C ASP A 205 -20.65 0.64 -14.11
N SER A 206 -19.35 0.77 -13.86
CA SER A 206 -18.90 1.05 -12.50
C SER A 206 -19.33 2.43 -12.05
N PRO A 207 -19.80 2.55 -10.81
CA PRO A 207 -20.13 3.85 -10.22
C PRO A 207 -18.90 4.74 -10.07
N LEU A 208 -17.71 4.13 -10.14
CA LEU A 208 -16.48 4.89 -10.01
C LEU A 208 -16.11 5.65 -11.28
N TYR A 209 -16.66 5.26 -12.43
CA TYR A 209 -16.25 5.84 -13.68
C TYR A 209 -16.60 7.35 -13.78
N PRO A 210 -17.85 7.74 -13.44
CA PRO A 210 -18.16 9.16 -13.44
C PRO A 210 -17.27 9.96 -12.47
N LEU A 211 -16.91 9.33 -11.35
CA LEU A 211 -16.12 9.99 -10.32
C LEU A 211 -14.71 10.26 -10.84
N ILE A 212 -14.15 9.29 -11.57
CA ILE A 212 -12.83 9.46 -12.20
C ILE A 212 -12.87 10.60 -13.21
N LYS A 213 -13.91 10.62 -14.05
CA LYS A 213 -14.03 11.66 -15.07
C LYS A 213 -14.18 13.04 -14.43
N ALA A 214 -14.90 13.09 -13.32
CA ALA A 214 -15.10 14.34 -12.58
C ALA A 214 -13.79 14.81 -11.92
N GLU A 215 -13.04 13.88 -11.32
CA GLU A 215 -11.73 14.25 -10.76
C GLU A 215 -10.88 14.95 -11.83
N LEU A 216 -10.85 14.38 -13.03
CA LEU A 216 -10.01 14.92 -14.11
C LEU A 216 -10.60 16.20 -14.72
N ALA A 217 -11.91 16.25 -14.89
CA ALA A 217 -12.56 17.47 -15.38
C ALA A 217 -12.37 18.66 -14.43
N ASN A 218 -12.20 18.37 -13.15
CA ASN A 218 -12.12 19.39 -12.13
C ASN A 218 -10.70 19.76 -11.71
N LEU A 219 -9.71 19.36 -12.51
CA LEU A 219 -8.34 19.82 -12.23
C LEU A 219 -8.36 21.35 -12.27
N GLY A 220 -7.77 21.96 -11.25
CA GLY A 220 -7.82 23.41 -11.10
C GLY A 220 -8.99 23.89 -10.25
N MSE A 221 -9.94 22.99 -10.00
CA MSE A 221 -11.16 23.28 -9.24
C MSE A 221 -11.39 22.20 -8.19
O MSE A 221 -12.54 21.85 -7.89
CB MSE A 221 -12.37 23.36 -10.18
CG MSE A 221 -12.44 24.63 -11.00
SE MSE A 221 -12.70 26.22 -9.88
CE MSE A 221 -14.57 25.98 -9.42
N GLY A 222 -10.31 21.68 -7.64
CA GLY A 222 -10.40 20.73 -6.53
C GLY A 222 -10.29 19.28 -6.94
N GLY A 223 -10.20 19.01 -8.23
CA GLY A 223 -9.95 17.65 -8.70
C GLY A 223 -8.50 17.26 -8.47
N ASN A 224 -8.20 15.97 -8.55
CA ASN A 224 -6.86 15.50 -8.25
C ASN A 224 -6.50 14.27 -9.08
N PRO A 225 -5.33 14.29 -9.77
CA PRO A 225 -5.03 13.18 -10.67
C PRO A 225 -4.62 11.88 -9.96
N ALA A 226 -4.01 11.97 -8.78
CA ALA A 226 -3.76 10.80 -7.96
C ALA A 226 -5.05 10.14 -7.48
N ALA A 227 -6.05 10.95 -7.12
CA ALA A 227 -7.36 10.43 -6.73
C ALA A 227 -8.01 9.70 -7.91
N ALA A 228 -7.95 10.29 -9.11
CA ALA A 228 -8.45 9.61 -10.32
C ALA A 228 -7.75 8.24 -10.50
N SER A 229 -6.42 8.24 -10.36
CA SER A 229 -5.61 7.03 -10.50
C SER A 229 -6.01 5.98 -9.47
N ASP A 230 -6.24 6.43 -8.23
CA ASP A 230 -6.67 5.56 -7.13
C ASP A 230 -7.96 4.80 -7.47
N LEU A 231 -8.93 5.51 -8.02
CA LEU A 231 -10.23 4.95 -8.32
C LEU A 231 -10.18 3.96 -9.48
N CYS A 232 -9.33 4.22 -10.48
CA CYS A 232 -9.24 3.34 -11.66
C CYS A 232 -8.96 1.89 -11.27
N ARG A 233 -8.24 1.71 -10.16
CA ARG A 233 -7.76 0.40 -9.73
C ARG A 233 -8.87 -0.55 -9.27
N TRP A 234 -10.10 -0.05 -9.18
CA TRP A 234 -11.22 -0.83 -8.69
C TRP A 234 -12.34 -0.97 -9.71
N ILE A 235 -11.99 -0.73 -10.98
CA ILE A 235 -12.91 -0.94 -12.10
C ILE A 235 -12.52 -2.24 -12.83
N PRO A 236 -13.43 -3.24 -12.88
N PRO A 236 -13.40 -3.28 -12.83
CA PRO A 236 -13.08 -4.56 -13.39
CA PRO A 236 -13.09 -4.58 -13.42
C PRO A 236 -12.77 -4.60 -14.90
C PRO A 236 -12.73 -4.57 -14.90
N GLU A 237 -13.31 -3.64 -15.67
CA GLU A 237 -12.99 -3.52 -17.08
C GLU A 237 -11.56 -3.06 -17.32
N LEU A 238 -10.97 -2.37 -16.33
CA LEU A 238 -9.59 -1.86 -16.41
C LEU A 238 -8.58 -2.84 -15.79
N PHE A 239 -8.94 -3.43 -14.67
CA PHE A 239 -8.06 -4.34 -13.92
C PHE A 239 -8.72 -5.67 -13.63
N ASN A 240 -8.20 -6.71 -14.26
CA ASN A 240 -8.74 -8.06 -14.09
C ASN A 240 -7.68 -9.17 -14.13
N GLU A 241 -6.41 -8.80 -14.32
CA GLU A 241 -5.32 -9.74 -14.20
C GLU A 241 -4.02 -8.98 -14.02
N GLY A 242 -3.00 -9.70 -13.56
CA GLY A 242 -1.70 -9.08 -13.34
C GLY A 242 -1.71 -8.10 -12.17
N PHE A 243 -0.81 -7.12 -12.24
CA PHE A 243 -0.59 -6.17 -11.16
C PHE A 243 -0.93 -4.76 -11.60
N TYR A 244 -1.48 -3.98 -10.68
CA TYR A 244 -1.31 -2.52 -10.71
C TYR A 244 0.01 -2.21 -10.01
N VAL A 245 0.81 -1.34 -10.62
CA VAL A 245 1.99 -0.79 -9.95
C VAL A 245 2.12 0.70 -10.22
N ASP A 246 2.46 1.48 -9.19
CA ASP A 246 2.77 2.87 -9.42
C ASP A 246 3.81 2.93 -10.54
N ILE A 247 3.64 3.90 -11.42
CA ILE A 247 4.43 4.00 -12.64
C ILE A 247 5.95 3.96 -12.39
N ASP A 248 6.37 4.49 -11.25
CA ASP A 248 7.81 4.61 -10.98
C ASP A 248 8.41 3.54 -10.05
N LEU A 249 7.68 2.47 -9.73
CA LEU A 249 8.25 1.41 -8.89
C LEU A 249 9.31 0.62 -9.65
N PRO A 250 10.51 0.48 -9.06
CA PRO A 250 11.49 -0.39 -9.69
C PRO A 250 11.12 -1.85 -9.58
N VAL A 251 11.71 -2.66 -10.47
CA VAL A 251 11.65 -4.11 -10.34
C VAL A 251 12.92 -4.61 -9.68
N ASP A 252 12.76 -5.48 -8.69
CA ASP A 252 13.87 -6.21 -8.08
C ASP A 252 14.05 -7.52 -8.84
N SER A 253 15.04 -7.54 -9.75
CA SER A 253 15.29 -8.72 -10.61
C SER A 253 15.42 -10.03 -9.84
N SER A 254 16.02 -9.97 -8.65
CA SER A 254 16.23 -11.16 -7.82
C SER A 254 14.94 -11.83 -7.35
N LYS A 255 13.83 -11.08 -7.37
CA LYS A 255 12.53 -11.60 -6.93
C LYS A 255 11.64 -12.16 -8.06
N ILE A 256 12.07 -12.04 -9.30
CA ILE A 256 11.27 -12.56 -10.42
C ILE A 256 11.18 -14.08 -10.34
N VAL A 257 9.96 -14.58 -10.48
CA VAL A 257 9.66 -16.01 -10.40
C VAL A 257 9.65 -16.55 -11.82
N GLU A 258 10.32 -17.68 -12.06
CA GLU A 258 10.51 -18.15 -13.45
C GLU A 258 9.21 -18.54 -14.15
N GLY A 259 8.21 -19.01 -13.40
CA GLY A 259 6.91 -19.33 -13.98
C GLY A 259 5.98 -18.13 -14.12
N HIS A 260 6.42 -16.99 -13.62
CA HIS A 260 5.65 -15.74 -13.68
C HIS A 260 4.26 -15.88 -13.03
N GLN A 261 4.15 -16.81 -12.08
CA GLN A 261 2.90 -17.03 -11.37
C GLN A 261 3.14 -17.11 -9.88
N ILE A 262 2.27 -16.45 -9.13
CA ILE A 262 2.25 -16.54 -7.68
C ILE A 262 0.81 -16.87 -7.27
N THR A 263 0.60 -17.18 -6.00
CA THR A 263 -0.73 -17.51 -5.53
C THR A 263 -1.06 -16.72 -4.28
N GLY A 264 -2.32 -16.82 -3.86
CA GLY A 264 -2.76 -16.21 -2.64
C GLY A 264 -4.04 -16.83 -2.12
N GLY A 265 -4.46 -16.35 -0.95
CA GLY A 265 -5.62 -16.88 -0.25
C GLY A 265 -6.86 -16.00 -0.40
N VAL A 266 -6.68 -14.89 -1.13
CA VAL A 266 -7.75 -13.96 -1.50
C VAL A 266 -7.52 -13.59 -2.97
N PRO A 267 -8.56 -13.12 -3.68
CA PRO A 267 -8.39 -12.84 -5.10
C PRO A 267 -7.77 -11.48 -5.44
N ILE A 268 -7.64 -10.61 -4.45
CA ILE A 268 -6.95 -9.33 -4.61
C ILE A 268 -5.97 -9.21 -3.46
N MSE A 269 -4.69 -9.02 -3.78
CA MSE A 269 -3.65 -8.84 -2.78
C MSE A 269 -3.08 -7.41 -2.89
O MSE A 269 -3.09 -6.83 -3.95
CB MSE A 269 -2.53 -9.86 -2.97
CG MSE A 269 -3.02 -11.28 -2.75
SE MSE A 269 -1.58 -12.58 -2.75
CE MSE A 269 -0.88 -12.25 -4.50
N LEU A 270 -2.58 -6.90 -1.77
CA LEU A 270 -2.11 -5.51 -1.68
C LEU A 270 -0.73 -5.49 -1.03
N ASN A 271 -0.05 -4.36 -1.13
CA ASN A 271 1.20 -4.11 -0.39
C ASN A 271 0.85 -4.06 1.10
N MSE A 272 1.54 -4.84 1.93
CA MSE A 272 1.25 -4.85 3.36
C MSE A 272 2.52 -4.81 4.21
O MSE A 272 3.63 -5.13 3.74
CB MSE A 272 0.45 -6.08 3.73
CG MSE A 272 -0.84 -6.21 3.01
SE MSE A 272 -1.78 -7.76 3.72
CE MSE A 272 -3.31 -7.66 2.56
N GLY A 273 2.33 -4.40 5.45
CA GLY A 273 3.35 -4.49 6.51
C GLY A 273 2.60 -4.49 7.82
N SER A 274 3.28 -4.23 8.93
CA SER A 274 2.58 -4.03 10.18
C SER A 274 3.40 -3.21 11.15
N ILE A 275 2.68 -2.58 12.06
CA ILE A 275 3.26 -1.70 13.05
C ILE A 275 2.93 -2.22 14.45
N ILE A 276 3.98 -2.44 15.24
CA ILE A 276 3.86 -2.88 16.62
C ILE A 276 3.78 -1.64 17.52
N SER A 277 2.69 -1.51 18.25
CA SER A 277 2.41 -0.26 18.96
C SER A 277 3.24 -0.15 20.23
N GLU A 278 3.17 1.03 20.84
CA GLU A 278 3.60 1.20 22.21
C GLU A 278 2.68 0.34 23.09
N PRO A 279 3.12 -0.02 24.30
CA PRO A 279 2.24 -0.80 25.18
C PRO A 279 0.93 -0.09 25.46
N ILE A 280 -0.17 -0.83 25.52
CA ILE A 280 -1.47 -0.24 25.81
C ILE A 280 -2.13 -0.90 27.00
N ALA A 281 -3.12 -0.23 27.54
CA ALA A 281 -3.89 -0.72 28.67
C ALA A 281 -4.74 -1.92 28.23
N PRO A 282 -5.11 -2.79 29.18
CA PRO A 282 -4.82 -2.76 30.61
C PRO A 282 -3.66 -3.64 31.06
N HIS A 283 -3.07 -4.42 30.15
CA HIS A 283 -2.01 -5.38 30.50
C HIS A 283 -0.62 -4.90 30.08
N HIS A 284 -0.52 -3.67 29.59
CA HIS A 284 0.74 -3.07 29.15
C HIS A 284 1.39 -3.95 28.07
N ARG A 285 0.57 -4.32 27.09
CA ARG A 285 1.05 -5.16 25.99
C ARG A 285 0.97 -4.39 24.69
N ARG A 286 1.86 -4.74 23.78
CA ARG A 286 1.89 -4.12 22.46
C ARG A 286 0.94 -4.83 21.51
N GLN A 287 0.43 -4.08 20.56
CA GLN A 287 -0.48 -4.60 19.60
CA GLN A 287 -0.53 -4.56 19.60
C GLN A 287 0.11 -4.49 18.22
N GLU A 288 -0.12 -5.52 17.41
CA GLU A 288 0.30 -5.48 16.00
C GLU A 288 -0.87 -5.05 15.14
N ALA A 289 -0.68 -3.99 14.35
CA ALA A 289 -1.72 -3.47 13.48
C ALA A 289 -1.22 -3.55 12.04
N VAL A 290 -1.89 -4.35 11.22
CA VAL A 290 -1.48 -4.50 9.82
C VAL A 290 -1.70 -3.18 9.10
N CYS A 291 -0.75 -2.79 8.27
CA CYS A 291 -0.88 -1.60 7.43
C CYS A 291 -0.87 -2.04 5.96
N MSE A 292 -1.53 -1.27 5.12
CA MSE A 292 -1.65 -1.61 3.70
C MSE A 292 -1.47 -0.41 2.80
O MSE A 292 -1.71 0.67 3.20
CB MSE A 292 -3.02 -2.22 3.41
CG MSE A 292 -3.42 -3.38 4.30
SE MSE A 292 -5.38 -3.83 3.86
CE MSE A 292 -5.55 -2.37 2.66
N ALA A 293 -1.02 -0.65 1.58
CA ALA A 293 -0.85 0.40 0.59
C ALA A 293 -1.34 -0.14 -0.76
N THR A 294 -1.61 0.79 -1.65
CA THR A 294 -2.20 0.49 -2.94
C THR A 294 -1.28 0.79 -4.11
N ASP A 295 0.02 0.98 -3.84
CA ASP A 295 1.01 1.17 -4.88
C ASP A 295 1.35 -0.12 -5.63
N ILE A 296 1.02 -1.26 -5.02
CA ILE A 296 1.12 -2.57 -5.63
C ILE A 296 -0.16 -3.33 -5.29
N ILE A 297 -0.91 -3.71 -6.33
CA ILE A 297 -2.13 -4.52 -6.17
C ILE A 297 -2.04 -5.66 -7.17
N ALA A 298 -2.39 -6.88 -6.75
CA ALA A 298 -2.40 -8.04 -7.62
C ALA A 298 -3.84 -8.54 -7.75
N TYR A 299 -4.23 -8.88 -8.98
CA TYR A 299 -5.59 -9.28 -9.31
C TYR A 299 -5.57 -10.71 -9.86
N ALA A 300 -6.30 -11.60 -9.20
CA ALA A 300 -6.34 -13.00 -9.61
C ALA A 300 -7.17 -13.22 -10.86
N ASN A 301 -6.75 -14.20 -11.67
CA ASN A 301 -7.59 -14.69 -12.75
C ASN A 301 -8.68 -15.59 -12.18
N ASP A 302 -9.76 -14.97 -11.70
CA ASP A 302 -10.81 -15.66 -10.98
C ASP A 302 -12.07 -14.80 -10.91
N ARG A 303 -13.23 -15.44 -10.91
CA ARG A 303 -14.48 -14.71 -10.80
C ARG A 303 -14.59 -13.94 -9.49
N GLU A 304 -13.98 -14.44 -8.43
CA GLU A 304 -14.04 -13.80 -7.12
C GLU A 304 -13.34 -12.44 -7.10
N THR A 305 -12.43 -12.21 -8.05
CA THR A 305 -11.75 -10.92 -8.15
C THR A 305 -12.76 -9.80 -8.40
N GLN A 306 -13.67 -10.01 -9.34
CA GLN A 306 -14.70 -9.01 -9.62
C GLN A 306 -15.65 -8.82 -8.42
N VAL A 307 -15.93 -9.89 -7.70
CA VAL A 307 -16.80 -9.81 -6.53
C VAL A 307 -16.18 -8.94 -5.45
N MSE A 308 -14.91 -9.19 -5.16
CA MSE A 308 -14.22 -8.42 -4.12
C MSE A 308 -14.09 -6.96 -4.55
O MSE A 308 -14.30 -6.03 -3.74
CB MSE A 308 -12.87 -9.01 -3.76
CG MSE A 308 -12.26 -8.33 -2.56
SE MSE A 308 -10.63 -9.22 -1.98
CE MSE A 308 -11.44 -10.69 -1.04
N MSE A 309 -13.75 -6.74 -5.81
CA MSE A 309 -13.62 -5.45 -6.32
CA MSE A 309 -13.59 -5.40 -6.35
C MSE A 309 -14.88 -4.61 -6.24
O MSE A 309 -14.85 -3.43 -5.93
CB MSE A 309 -13.09 -5.50 -7.74
CB MSE A 309 -13.08 -5.45 -7.81
CG MSE A 309 -13.07 -4.21 -8.37
CG MSE A 309 -11.65 -5.97 -7.96
SE MSE A 309 -12.19 -4.36 -10.10
SE MSE A 309 -11.07 -6.01 -9.81
CE MSE A 309 -10.33 -3.99 -9.61
CE MSE A 309 -12.17 -4.38 -10.11
N ASP A 310 -16.02 -5.26 -6.48
CA ASP A 310 -17.31 -4.57 -6.35
CA ASP A 310 -17.33 -4.61 -6.34
C ASP A 310 -17.57 -4.10 -4.91
N THR A 311 -17.19 -4.90 -3.91
CA THR A 311 -17.39 -4.48 -2.51
C THR A 311 -16.62 -3.20 -2.23
N VAL A 312 -15.39 -3.13 -2.74
CA VAL A 312 -14.55 -1.95 -2.55
C VAL A 312 -15.13 -0.76 -3.32
N ALA A 313 -15.55 -1.00 -4.55
CA ALA A 313 -16.15 0.06 -5.35
C ALA A 313 -17.40 0.65 -4.70
N LEU A 314 -18.24 -0.20 -4.11
CA LEU A 314 -19.45 0.30 -3.45
C LEU A 314 -19.08 1.20 -2.28
N HIS A 315 -18.01 0.82 -1.56
CA HIS A 315 -17.53 1.65 -0.46
C HIS A 315 -17.00 3.00 -0.92
N LEU A 316 -16.18 3.00 -1.95
CA LEU A 316 -15.65 4.25 -2.51
C LEU A 316 -16.76 5.17 -3.02
N LYS A 317 -17.77 4.60 -3.67
CA LYS A 317 -18.91 5.39 -4.14
C LYS A 317 -19.61 6.07 -2.95
N ASN A 318 -19.79 5.31 -1.87
CA ASN A 318 -20.42 5.83 -0.66
C ASN A 318 -19.61 6.99 -0.06
N ILE A 319 -18.29 6.88 -0.09
CA ILE A 319 -17.42 7.96 0.43
C ILE A 319 -17.54 9.21 -0.42
N TYR A 320 -17.47 9.07 -1.74
CA TYR A 320 -17.59 10.22 -2.62
C TYR A 320 -18.94 10.92 -2.45
N ASP A 321 -19.98 10.13 -2.25
CA ASP A 321 -21.32 10.67 -2.12
C ASP A 321 -21.50 11.42 -0.80
N ASP A 322 -20.77 11.01 0.24
CA ASP A 322 -20.80 11.67 1.55
C ASP A 322 -19.43 11.55 2.20
N PRO A 323 -18.51 12.47 1.86
CA PRO A 323 -17.14 12.35 2.34
C PRO A 323 -16.92 12.74 3.80
N TYR A 324 -17.92 13.34 4.44
CA TYR A 324 -17.72 13.94 5.77
C TYR A 324 -17.50 12.90 6.85
N THR A 325 -18.15 11.74 6.72
CA THR A 325 -17.93 10.62 7.63
C THR A 325 -16.49 10.08 7.52
N ALA A 326 -16.00 9.90 6.29
CA ALA A 326 -14.64 9.38 6.08
C ALA A 326 -13.57 10.32 6.64
N LEU A 327 -13.88 11.62 6.65
CA LEU A 327 -12.95 12.65 7.10
C LEU A 327 -13.14 13.07 8.56
N LYS A 328 -14.01 12.41 9.30
CA LYS A 328 -14.45 12.90 10.61
C LYS A 328 -13.32 13.06 11.63
N ASP A 329 -12.27 12.26 11.48
CA ASP A 329 -11.13 12.29 12.41
C ASP A 329 -9.88 12.97 11.84
N THR A 330 -10.04 13.71 10.75
CA THR A 330 -8.92 14.43 10.14
C THR A 330 -8.82 15.85 10.72
N PRO A 331 -7.63 16.48 10.61
CA PRO A 331 -7.47 17.87 11.04
C PRO A 331 -8.52 18.80 10.45
N LEU A 332 -8.80 18.65 9.17
CA LEU A 332 -9.77 19.53 8.49
C LEU A 332 -11.13 19.48 9.16
N ALA A 333 -11.50 18.34 9.74
CA ALA A 333 -12.78 18.18 10.41
C ALA A 333 -12.98 19.10 11.60
N GLN A 334 -11.89 19.64 12.14
CA GLN A 334 -11.99 20.60 13.23
C GLN A 334 -12.14 22.06 12.79
N THR A 335 -12.20 22.32 11.48
CA THR A 335 -12.30 23.69 10.96
C THR A 335 -13.74 24.17 10.76
N ALA A 336 -13.94 25.48 10.88
CA ALA A 336 -15.24 26.10 10.57
C ALA A 336 -15.67 25.84 9.13
N PHE A 337 -14.72 25.89 8.21
CA PHE A 337 -14.98 25.65 6.79
C PHE A 337 -15.59 24.26 6.59
N PHE A 338 -15.00 23.25 7.21
CA PHE A 338 -15.50 21.87 7.08
C PHE A 338 -16.94 21.75 7.58
N ASN A 339 -17.21 22.33 8.76
CA ASN A 339 -18.54 22.32 9.30
CA ASN A 339 -18.55 22.32 9.33
C ASN A 339 -19.57 22.96 8.40
N ARG A 340 -19.22 24.10 7.80
CA ARG A 340 -20.09 24.77 6.83
C ARG A 340 -20.31 23.90 5.60
N CYS A 341 -19.23 23.35 5.06
CA CYS A 341 -19.33 22.48 3.90
C CYS A 341 -20.23 21.28 4.16
N GLU A 342 -20.13 20.71 5.36
CA GLU A 342 -20.93 19.54 5.72
C GLU A 342 -22.41 19.90 5.76
N GLU A 343 -22.75 21.04 6.38
CA GLU A 343 -24.14 21.50 6.44
C GLU A 343 -24.69 21.81 5.05
N GLU A 344 -23.84 22.38 4.21
CA GLU A 344 -24.21 22.79 2.85
C GLU A 344 -24.24 21.63 1.86
N GLY A 345 -23.62 20.52 2.22
CA GLY A 345 -23.49 19.36 1.34
C GLY A 345 -22.56 19.61 0.16
N LYS A 346 -21.49 20.35 0.39
CA LYS A 346 -20.47 20.57 -0.64
C LYS A 346 -19.81 19.24 -1.00
N ASN A 347 -19.38 19.09 -2.25
CA ASN A 347 -18.74 17.84 -2.65
C ASN A 347 -17.24 17.88 -2.37
N ILE A 348 -16.57 16.77 -2.62
CA ILE A 348 -15.13 16.68 -2.33
C ILE A 348 -14.28 17.70 -3.08
N PHE A 349 -14.69 18.05 -4.30
CA PHE A 349 -13.95 19.02 -5.10
C PHE A 349 -14.01 20.40 -4.46
N GLU A 350 -15.21 20.78 -4.01
CA GLU A 350 -15.42 22.07 -3.37
C GLU A 350 -14.67 22.14 -2.03
N LEU A 351 -14.60 21.01 -1.32
CA LEU A 351 -13.80 20.92 -0.08
C LEU A 351 -12.32 21.15 -0.36
N ARG A 352 -11.77 20.42 -1.33
CA ARG A 352 -10.36 20.56 -1.65
C ARG A 352 -10.03 21.97 -2.17
N LYS A 353 -10.87 22.50 -3.05
CA LYS A 353 -10.64 23.82 -3.65
CA LYS A 353 -10.60 23.81 -3.65
C LYS A 353 -10.74 24.92 -2.62
N GLY A 354 -11.67 24.78 -1.68
CA GLY A 354 -11.84 25.78 -0.64
C GLY A 354 -10.65 25.85 0.30
N LEU A 355 -10.08 24.69 0.60
CA LEU A 355 -8.87 24.60 1.42
C LEU A 355 -7.72 25.29 0.70
N GLN A 356 -7.52 24.94 -0.57
CA GLN A 356 -6.45 25.54 -1.36
C GLN A 356 -6.63 27.07 -1.41
N ASP A 357 -7.85 27.53 -1.64
CA ASP A 357 -8.14 28.97 -1.73
C ASP A 357 -7.79 29.70 -0.45
N ALA A 358 -8.07 29.09 0.69
CA ALA A 358 -7.81 29.75 1.99
C ALA A 358 -6.33 29.97 2.18
N PHE A 359 -5.52 28.97 1.84
CA PHE A 359 -4.07 29.05 2.03
C PHE A 359 -3.35 29.81 0.91
N ARG A 360 -4.02 30.06 -0.20
CA ARG A 360 -3.50 30.95 -1.24
C ARG A 360 -3.90 32.40 -1.02
N SER A 361 -4.82 32.66 -0.08
CA SER A 361 -5.37 34.00 0.13
C SER A 361 -4.35 35.05 0.61
N ASP A 362 -3.27 34.61 1.25
CA ASP A 362 -2.32 35.56 1.83
C ASP A 362 -3.03 36.50 2.82
N SER A 363 -4.08 36.01 3.48
CA SER A 363 -4.87 36.83 4.41
C SER A 363 -5.09 36.09 5.72
N LEU A 364 -4.63 36.67 6.82
CA LEU A 364 -4.89 36.14 8.16
C LEU A 364 -6.39 36.18 8.50
N LEU A 365 -7.09 37.19 8.02
CA LEU A 365 -8.54 37.30 8.25
C LEU A 365 -9.28 36.16 7.56
N GLU A 366 -8.95 35.92 6.30
CA GLU A 366 -9.57 34.81 5.55
C GLU A 366 -9.20 33.46 6.17
N LEU A 367 -7.96 33.34 6.65
CA LEU A 367 -7.54 32.14 7.34
C LEU A 367 -8.36 31.94 8.64
N TYR A 368 -8.61 33.04 9.36
CA TYR A 368 -9.43 32.95 10.56
C TYR A 368 -10.83 32.40 10.25
N VAL A 369 -11.47 32.98 9.23
CA VAL A 369 -12.83 32.57 8.86
C VAL A 369 -12.85 31.07 8.45
N PHE A 370 -11.81 30.66 7.72
CA PHE A 370 -11.65 29.27 7.31
C PHE A 370 -11.46 28.33 8.50
N LEU A 371 -10.48 28.64 9.35
CA LEU A 371 -10.14 27.75 10.45
C LEU A 371 -11.20 27.73 11.54
N GLY A 372 -11.73 28.91 11.87
CA GLY A 372 -12.56 29.08 13.06
C GLY A 372 -11.67 29.22 14.30
N PRO A 373 -12.25 29.67 15.41
CA PRO A 373 -11.45 30.00 16.60
C PRO A 373 -10.66 28.83 17.18
N ALA A 374 -11.26 27.65 17.25
CA ALA A 374 -10.58 26.51 17.86
C ALA A 374 -9.28 26.14 17.13
N LYS A 375 -9.35 25.99 15.82
CA LYS A 375 -8.17 25.62 15.06
C LYS A 375 -7.19 26.79 14.89
N PHE A 376 -7.71 28.02 14.86
CA PHE A 376 -6.85 29.20 14.81
C PHE A 376 -6.03 29.27 16.08
N LYS A 377 -6.68 29.03 17.21
CA LYS A 377 -6.01 28.98 18.52
C LYS A 377 -4.87 27.95 18.52
N GLU A 378 -5.15 26.74 18.02
CA GLU A 378 -4.17 25.68 17.98
C GLU A 378 -2.99 26.04 17.08
N VAL A 379 -3.30 26.50 15.86
CA VAL A 379 -2.28 26.81 14.88
C VAL A 379 -1.33 27.90 15.39
N PHE A 380 -1.89 28.93 16.03
CA PHE A 380 -1.07 30.05 16.52
C PHE A 380 -0.73 30.01 18.01
N LYS A 381 -1.02 28.89 18.64
CA LYS A 381 -0.65 28.61 20.02
C LYS A 381 -1.11 29.72 20.97
N LEU A 382 -2.37 30.10 20.82
CA LEU A 382 -2.97 31.15 21.61
C LEU A 382 -3.61 30.59 22.86
N LYS A 383 -3.71 31.42 23.88
CA LYS A 383 -4.41 31.06 25.09
C LYS A 383 -5.91 31.17 24.85
N GLU A 384 -6.69 30.49 25.67
CA GLU A 384 -8.15 30.55 25.57
C GLU A 384 -8.67 31.98 25.66
N THR A 385 -8.15 32.76 26.61
CA THR A 385 -8.62 34.13 26.78
C THR A 385 -8.31 34.99 25.54
N GLN A 386 -7.20 34.68 24.89
CA GLN A 386 -6.75 35.42 23.72
C GLN A 386 -7.65 35.15 22.52
N ILE A 387 -8.00 33.89 22.30
CA ILE A 387 -8.88 33.55 21.18
C ILE A 387 -10.30 34.05 21.46
N LYS A 388 -10.70 34.04 22.72
CA LYS A 388 -12.01 34.56 23.08
C LYS A 388 -12.13 36.04 22.72
N TYR A 389 -11.11 36.82 23.03
CA TYR A 389 -11.16 38.23 22.68
C TYR A 389 -11.21 38.42 21.17
N ILE A 390 -10.36 37.69 20.45
CA ILE A 390 -10.33 37.81 19.00
C ILE A 390 -11.69 37.43 18.42
N ASP A 391 -12.27 36.32 18.87
CA ASP A 391 -13.53 35.84 18.29
C ASP A 391 -14.70 36.77 18.60
N ASP A 392 -14.70 37.35 19.79
CA ASP A 392 -15.74 38.31 20.18
C ASP A 392 -15.70 39.57 19.32
N HIS A 393 -14.53 39.93 18.82
CA HIS A 393 -14.34 41.20 18.14
C HIS A 393 -14.02 41.07 16.65
N ILE A 394 -14.05 39.85 16.12
CA ILE A 394 -13.57 39.58 14.76
C ILE A 394 -14.36 40.37 13.69
N SER A 395 -15.65 40.63 13.94
CA SER A 395 -16.48 41.39 12.98
C SER A 395 -16.02 42.84 12.80
N GLU A 396 -15.17 43.31 13.72
CA GLU A 396 -14.63 44.67 13.70
C GLU A 396 -13.21 44.77 13.14
N PHE A 397 -12.53 43.64 12.96
CA PHE A 397 -11.12 43.63 12.60
C PHE A 397 -10.88 43.80 11.10
N ASN A 398 -9.85 44.58 10.77
CA ASN A 398 -9.17 44.46 9.49
C ASN A 398 -7.94 43.58 9.69
N GLU A 399 -7.21 43.33 8.61
CA GLU A 399 -6.04 42.47 8.63
C GLU A 399 -5.00 42.90 9.66
N HIS A 400 -4.73 44.20 9.72
CA HIS A 400 -3.72 44.71 10.64
C HIS A 400 -4.16 44.53 12.09
N ASP A 401 -5.45 44.74 12.38
CA ASP A 401 -5.98 44.54 13.73
C ASP A 401 -5.67 43.11 14.22
N LEU A 402 -5.94 42.12 13.39
CA LEU A 402 -5.70 40.74 13.77
C LEU A 402 -4.19 40.48 13.96
N LEU A 403 -3.37 41.04 13.08
CA LEU A 403 -1.92 40.89 13.20
C LEU A 403 -1.43 41.48 14.52
N LEU A 404 -1.97 42.63 14.91
CA LEU A 404 -1.57 43.25 16.18
C LEU A 404 -1.88 42.36 17.38
N HIS A 405 -3.00 41.65 17.33
CA HIS A 405 -3.30 40.72 18.43
C HIS A 405 -2.37 39.53 18.47
N LEU A 406 -2.03 38.98 17.30
CA LEU A 406 -1.08 37.88 17.22
C LEU A 406 0.27 38.29 17.82
N ILE A 407 0.74 39.47 17.42
CA ILE A 407 2.00 40.03 17.92
C ILE A 407 2.01 40.19 19.43
N SER A 408 0.91 40.71 19.98
CA SER A 408 0.81 40.87 21.45
C SER A 408 0.75 39.52 22.16
N ASP A 409 0.02 38.58 21.57
CA ASP A 409 -0.29 37.33 22.22
C ASP A 409 0.84 36.32 22.15
N ASN A 410 1.59 36.32 21.04
CA ASN A 410 2.60 35.29 20.82
C ASN A 410 3.66 35.72 19.80
N PRO A 411 4.54 36.63 20.23
CA PRO A 411 5.65 37.04 19.39
C PRO A 411 6.78 36.00 19.34
N SER A 412 6.80 35.08 20.31
CA SER A 412 7.86 34.07 20.39
CA SER A 412 7.86 34.07 20.38
C SER A 412 7.83 33.10 19.20
N GLU A 413 6.62 32.75 18.78
CA GLU A 413 6.39 31.91 17.58
C GLU A 413 7.20 32.35 16.38
N ILE A 414 7.36 33.66 16.24
CA ILE A 414 8.12 34.24 15.14
C ILE A 414 9.33 34.97 15.71
N ASN A 415 9.87 34.42 16.80
CA ASN A 415 11.15 34.85 17.40
C ASN A 415 11.31 36.36 17.56
N GLN A 416 10.22 37.01 17.99
CA GLN A 416 10.17 38.46 18.24
C GLN A 416 10.62 39.36 17.07
N HIS A 417 10.48 38.86 15.84
CA HIS A 417 10.62 39.69 14.65
C HIS A 417 9.27 40.38 14.40
N THR A 418 8.95 41.35 15.27
CA THR A 418 7.62 41.98 15.31
C THR A 418 7.59 43.44 14.84
N LEU A 419 8.77 44.04 14.64
CA LEU A 419 8.88 45.46 14.28
C LEU A 419 8.54 45.73 12.80
N ASP A 420 8.84 44.77 11.94
CA ASP A 420 8.47 44.85 10.52
C ASP A 420 7.17 44.08 10.34
N PHE A 421 6.07 44.79 10.16
CA PHE A 421 4.74 44.15 10.10
C PHE A 421 4.60 43.26 8.87
N GLY A 422 5.12 43.70 7.74
CA GLY A 422 5.15 42.89 6.53
C GLY A 422 5.80 41.53 6.76
N ARG A 423 7.00 41.54 7.36
CA ARG A 423 7.69 40.29 7.68
C ARG A 423 6.95 39.47 8.73
N ALA A 424 6.35 40.15 9.72
CA ALA A 424 5.60 39.47 10.77
C ALA A 424 4.45 38.68 10.15
N LYS A 425 3.74 39.32 9.22
CA LYS A 425 2.59 38.69 8.54
C LYS A 425 3.01 37.44 7.77
N VAL A 426 4.13 37.54 7.05
CA VAL A 426 4.66 36.39 6.31
C VAL A 426 5.00 35.24 7.25
N MSE A 427 5.62 35.56 8.38
CA MSE A 427 5.99 34.54 9.35
C MSE A 427 4.77 33.85 9.97
O MSE A 427 4.77 32.64 10.14
CB MSE A 427 6.92 35.10 10.40
CG MSE A 427 8.29 35.35 9.82
SE MSE A 427 9.55 36.16 11.06
CE MSE A 427 8.88 37.99 11.01
N TYR A 428 3.71 34.61 10.28
CA TYR A 428 2.48 33.98 10.77
C TYR A 428 1.84 33.14 9.67
N MSE A 429 1.79 33.66 8.45
CA MSE A 429 1.26 32.88 7.33
C MSE A 429 2.04 31.58 7.11
O MSE A 429 1.44 30.54 6.80
CB MSE A 429 1.25 33.69 6.04
CG MSE A 429 0.15 34.72 5.93
SE MSE A 429 -1.67 34.02 6.05
CE MSE A 429 -1.47 32.30 5.12
N ASP A 430 3.36 31.64 7.26
CA ASP A 430 4.21 30.46 7.14
C ASP A 430 3.91 29.42 8.21
N ILE A 431 3.64 29.87 9.44
CA ILE A 431 3.25 28.97 10.53
C ILE A 431 2.00 28.21 10.11
N ALA A 432 1.03 28.93 9.55
CA ALA A 432 -0.23 28.31 9.12
C ALA A 432 0.02 27.32 7.98
N LYS A 433 0.86 27.70 7.02
CA LYS A 433 1.16 26.82 5.87
C LYS A 433 1.87 25.52 6.24
N GLU A 434 2.52 25.49 7.40
CA GLU A 434 3.09 24.25 7.94
C GLU A 434 2.04 23.14 8.06
N HIS A 435 0.77 23.52 8.24
CA HIS A 435 -0.31 22.59 8.46
C HIS A 435 -1.07 22.21 7.19
N TYR A 436 -0.74 22.82 6.05
CA TYR A 436 -1.53 22.65 4.83
C TYR A 436 -1.59 21.18 4.37
N SER A 437 -0.42 20.54 4.35
CA SER A 437 -0.32 19.15 3.92
C SER A 437 -1.19 18.22 4.78
N ALA A 438 -1.15 18.42 6.09
CA ALA A 438 -1.97 17.67 7.03
C ALA A 438 -3.47 17.88 6.81
N PHE A 439 -3.85 19.08 6.40
CA PHE A 439 -5.24 19.36 6.02
C PHE A 439 -5.62 18.70 4.69
N TYR A 440 -4.72 18.75 3.71
CA TYR A 440 -5.05 18.35 2.34
C TYR A 440 -4.96 16.85 2.09
N LYS A 441 -3.88 16.22 2.55
CA LYS A 441 -3.61 14.83 2.14
C LYS A 441 -4.76 13.85 2.43
N PRO A 442 -5.44 13.98 3.58
CA PRO A 442 -6.58 13.07 3.83
C PRO A 442 -7.71 13.16 2.82
N LEU A 443 -7.82 14.30 2.13
CA LEU A 443 -8.82 14.51 1.09
C LEU A 443 -8.59 13.67 -0.16
N VAL A 444 -7.44 12.99 -0.21
CA VAL A 444 -7.18 11.90 -1.16
C VAL A 444 -7.04 10.56 -0.42
N GLU A 445 -6.18 10.52 0.59
CA GLU A 445 -5.87 9.28 1.31
C GLU A 445 -7.09 8.56 1.90
N GLU A 446 -8.01 9.31 2.48
CA GLU A 446 -9.18 8.72 3.14
C GLU A 446 -10.39 8.67 2.23
N ILE A 447 -10.23 9.17 1.00
CA ILE A 447 -11.34 9.29 0.05
C ILE A 447 -11.22 8.24 -1.06
N SER A 448 -10.08 8.19 -1.74
CA SER A 448 -9.81 7.19 -2.79
C SER A 448 -8.59 6.31 -2.47
N GLY A 449 -7.80 6.73 -1.49
CA GLY A 449 -6.48 6.17 -1.24
C GLY A 449 -6.46 5.03 -0.27
N PRO A 450 -5.26 4.70 0.24
CA PRO A 450 -5.14 3.53 1.10
C PRO A 450 -5.98 3.58 2.38
N GLY A 451 -6.31 4.76 2.89
CA GLY A 451 -7.21 4.88 4.03
C GLY A 451 -8.61 4.39 3.70
N ALA A 452 -9.13 4.83 2.57
CA ALA A 452 -10.44 4.36 2.10
C ALA A 452 -10.43 2.86 1.84
N ILE A 453 -9.36 2.36 1.22
CA ILE A 453 -9.33 0.95 0.83
C ILE A 453 -9.23 0.05 2.06
N TYR A 454 -8.41 0.45 3.03
CA TYR A 454 -8.29 -0.25 4.31
C TYR A 454 -9.64 -0.43 4.94
N ASN A 455 -10.42 0.66 4.98
CA ASN A 455 -11.74 0.61 5.55
C ASN A 455 -12.68 -0.26 4.73
N ALA A 456 -12.57 -0.17 3.41
CA ALA A 456 -13.40 -0.99 2.52
C ALA A 456 -13.16 -2.48 2.75
N LEU A 457 -11.91 -2.84 3.04
CA LEU A 457 -11.52 -4.25 3.19
C LEU A 457 -11.73 -4.78 4.60
N GLY A 458 -12.07 -3.91 5.55
CA GLY A 458 -12.40 -4.35 6.92
C GLY A 458 -12.04 -3.42 8.07
N GLY A 459 -11.14 -2.46 7.86
CA GLY A 459 -10.83 -1.46 8.87
C GLY A 459 -9.85 -1.89 9.97
N ALA A 460 -9.32 -0.92 10.69
CA ALA A 460 -8.26 -1.16 11.67
C ALA A 460 -8.58 -2.23 12.67
N SER A 461 -9.71 -2.11 13.32
CA SER A 461 -10.09 -3.10 14.34
C SER A 461 -9.94 -4.53 13.80
N ASN A 462 -10.40 -4.75 12.58
CA ASN A 462 -10.36 -6.07 11.91
C ASN A 462 -8.93 -6.56 11.62
N PHE A 463 -7.98 -5.63 11.52
CA PHE A 463 -6.59 -5.93 11.20
C PHE A 463 -5.63 -5.66 12.36
N THR A 464 -6.18 -5.48 13.55
CA THR A 464 -5.39 -5.21 14.73
C THR A 464 -5.63 -6.25 15.82
N THR A 465 -4.54 -6.74 16.39
CA THR A 465 -4.58 -7.85 17.34
C THR A 465 -3.46 -7.68 18.35
N THR A 466 -3.56 -8.34 19.50
CA THR A 466 -2.47 -8.35 20.47
C THR A 466 -1.25 -9.04 19.88
N HIS A 467 -0.08 -8.43 20.05
CA HIS A 467 1.15 -8.89 19.42
C HIS A 467 1.62 -10.17 20.08
N ARG A 468 1.99 -11.17 19.27
CA ARG A 468 2.42 -12.47 19.76
C ARG A 468 3.57 -12.98 18.89
N ARG A 469 4.59 -13.56 19.50
CA ARG A 469 5.83 -13.91 18.77
C ARG A 469 6.25 -15.38 18.78
N SER A 470 7.08 -15.77 17.80
CA SER A 470 7.63 -17.14 17.64
C SER A 470 6.64 -18.29 17.87
N THR A 471 7.11 -19.51 18.03
CA THR A 471 8.52 -19.85 18.01
C THR A 471 8.79 -20.66 16.75
N GLY A 472 9.94 -20.45 16.14
CA GLY A 472 10.32 -21.21 14.96
C GLY A 472 9.82 -20.57 13.67
N PRO A 473 9.78 -21.36 12.60
CA PRO A 473 9.27 -20.90 11.31
C PRO A 473 7.89 -20.25 11.43
N MSE A 474 7.66 -19.18 10.67
CA MSE A 474 6.37 -18.48 10.69
CA MSE A 474 6.39 -18.48 10.71
C MSE A 474 5.30 -19.35 10.08
O MSE A 474 5.50 -19.89 9.00
CB MSE A 474 6.42 -17.15 9.92
CB MSE A 474 6.53 -17.16 9.94
CG MSE A 474 5.03 -16.60 9.50
CG MSE A 474 6.05 -15.94 10.66
SE MSE A 474 5.11 -14.94 8.48
SE MSE A 474 5.44 -14.72 9.29
CE MSE A 474 6.27 -13.96 9.74
CE MSE A 474 3.95 -15.87 8.79
N LEU A 475 4.17 -19.48 10.76
CA LEU A 475 3.01 -20.17 10.24
C LEU A 475 1.82 -19.21 10.36
N PRO A 476 0.79 -19.38 9.50
CA PRO A 476 -0.37 -18.50 9.52
C PRO A 476 -1.36 -18.92 10.60
N THR A 477 -0.99 -18.70 11.86
CA THR A 477 -1.80 -19.14 13.00
C THR A 477 -2.38 -18.00 13.84
N THR A 478 -2.17 -16.75 13.39
CA THR A 478 -2.85 -15.56 13.94
C THR A 478 -3.28 -14.66 12.77
N PRO A 479 -4.23 -13.73 13.00
CA PRO A 479 -4.71 -12.93 11.85
C PRO A 479 -3.63 -12.17 11.07
N PRO A 480 -2.67 -11.50 11.77
CA PRO A 480 -1.65 -10.80 10.98
C PRO A 480 -0.76 -11.77 10.18
N ARG A 481 -0.51 -12.94 10.73
CA ARG A 481 0.31 -13.94 10.03
C ARG A 481 -0.43 -14.50 8.81
N VAL A 482 -1.75 -14.64 8.93
CA VAL A 482 -2.57 -15.09 7.81
C VAL A 482 -2.48 -14.12 6.64
N LEU A 483 -2.56 -12.82 6.93
CA LEU A 483 -2.45 -11.80 5.91
CA LEU A 483 -2.43 -11.79 5.90
C LEU A 483 -1.02 -11.75 5.34
N GLN A 484 -0.02 -11.87 6.21
CA GLN A 484 1.37 -11.85 5.77
C GLN A 484 1.66 -13.00 4.82
N VAL A 485 1.11 -14.18 5.10
CA VAL A 485 1.41 -15.36 4.31
C VAL A 485 0.62 -15.39 3.00
N PHE A 486 -0.64 -15.01 3.05
CA PHE A 486 -1.57 -15.27 1.94
C PHE A 486 -2.10 -14.07 1.18
N CYS A 487 -1.89 -12.84 1.69
CA CYS A 487 -2.60 -11.66 1.12
C CYS A 487 -1.72 -10.51 0.66
N ASP A 488 -0.41 -10.67 0.79
CA ASP A 488 0.56 -9.58 0.57
C ASP A 488 1.19 -9.68 -0.82
N ALA A 489 0.81 -8.75 -1.70
CA ALA A 489 1.32 -8.69 -3.08
C ALA A 489 2.76 -8.21 -3.19
N HIS A 490 3.20 -7.41 -2.23
CA HIS A 490 4.54 -6.83 -2.29
C HIS A 490 5.60 -7.91 -2.09
N ASP A 491 5.42 -8.69 -1.04
CA ASP A 491 6.37 -9.75 -0.74
C ASP A 491 6.51 -10.74 -1.91
N LYS A 492 5.39 -11.05 -2.57
CA LYS A 492 5.38 -12.07 -3.62
C LYS A 492 5.78 -11.56 -5.00
N GLY A 493 5.50 -10.29 -5.24
CA GLY A 493 5.79 -9.70 -6.52
C GLY A 493 7.22 -9.19 -6.60
N PRO A 494 7.63 -8.77 -7.80
CA PRO A 494 8.99 -8.33 -8.03
C PRO A 494 9.18 -6.82 -7.93
N PHE A 495 8.19 -6.09 -7.40
CA PHE A 495 8.25 -4.62 -7.38
C PHE A 495 8.71 -4.09 -6.04
N VAL A 496 9.46 -2.99 -6.09
CA VAL A 496 10.02 -2.36 -4.90
C VAL A 496 9.14 -1.19 -4.46
N SER A 497 8.78 -1.19 -3.18
CA SER A 497 8.01 -0.09 -2.59
C SER A 497 8.62 0.42 -1.28
N ASP A 498 8.47 1.72 -1.04
CA ASP A 498 8.89 2.37 0.20
C ASP A 498 7.72 3.05 0.90
N ASN A 499 6.50 2.70 0.50
CA ASN A 499 5.32 3.43 0.97
C ASN A 499 5.00 3.21 2.41
N ILE A 500 5.23 1.99 2.89
CA ILE A 500 4.79 1.60 4.24
C ILE A 500 5.88 0.83 4.96
N ALA A 501 5.69 0.71 6.27
CA ALA A 501 6.57 -0.08 7.13
C ALA A 501 6.67 -1.53 6.67
N ARG A 502 7.81 -2.16 6.96
CA ARG A 502 7.98 -3.61 6.77
C ARG A 502 7.11 -4.34 7.78
N TRP A 503 6.93 -5.65 7.61
CA TRP A 503 6.17 -6.43 8.58
C TRP A 503 6.85 -6.36 9.95
N GLN A 504 6.03 -6.18 10.99
CA GLN A 504 6.48 -6.23 12.39
C GLN A 504 7.51 -5.16 12.74
N THR A 505 7.23 -3.94 12.29
CA THR A 505 8.06 -2.78 12.60
C THR A 505 7.56 -2.06 13.85
N ASN A 506 8.49 -1.75 14.76
CA ASN A 506 8.14 -0.96 15.94
C ASN A 506 7.80 0.47 15.61
N VAL A 507 6.75 1.00 16.25
CA VAL A 507 6.22 2.30 15.90
C VAL A 507 7.22 3.45 16.12
N ARG A 508 8.14 3.26 17.05
CA ARG A 508 9.13 4.31 17.37
C ARG A 508 10.25 4.39 16.33
N GLU A 509 10.30 3.45 15.39
CA GLU A 509 11.38 3.37 14.41
C GLU A 509 10.86 2.89 13.04
N LEU A 510 9.88 3.61 12.49
CA LEU A 510 9.18 3.18 11.27
C LEU A 510 10.08 3.10 10.05
N GLY A 511 11.04 4.01 9.94
CA GLY A 511 11.97 4.02 8.80
C GLY A 511 11.29 4.25 7.46
N VAL A 512 10.27 5.09 7.46
CA VAL A 512 9.53 5.46 6.24
C VAL A 512 9.72 6.96 6.00
N LEU A 513 10.26 7.31 4.83
CA LEU A 513 10.46 8.72 4.46
C LEU A 513 9.13 9.38 4.13
N ASN A 514 8.87 10.52 4.74
CA ASN A 514 7.66 11.31 4.46
C ASN A 514 8.04 12.54 3.64
N ARG A 515 7.75 12.48 2.35
CA ARG A 515 8.19 13.52 1.40
C ARG A 515 7.29 14.75 1.44
N GLU A 516 7.90 15.90 1.21
CA GLU A 516 7.22 17.19 1.25
C GLU A 516 6.51 17.56 -0.05
N GLY A 517 7.24 17.52 -1.15
CA GLY A 517 6.74 18.02 -2.44
C GLY A 517 6.07 16.96 -3.29
N LEU A 518 4.88 16.52 -2.84
CA LEU A 518 4.15 15.49 -3.57
C LEU A 518 3.62 16.05 -4.90
N SER A 519 3.64 15.18 -5.90
CA SER A 519 3.23 15.53 -7.26
C SER A 519 1.79 16.02 -7.32
N TRP A 520 0.97 15.54 -6.39
CA TRP A 520 -0.48 15.78 -6.44
C TRP A 520 -0.99 16.76 -5.40
N LEU A 521 -0.09 17.37 -4.62
CA LEU A 521 -0.48 18.43 -3.70
C LEU A 521 -0.40 19.78 -4.42
N PRO A 522 -1.55 20.44 -4.64
CA PRO A 522 -1.48 21.75 -5.32
C PRO A 522 -0.72 22.78 -4.47
N SER A 523 0.05 23.63 -5.11
CA SER A 523 0.84 24.63 -4.38
C SER A 523 -0.03 25.70 -3.72
N VAL A 524 0.47 26.25 -2.64
CA VAL A 524 -0.17 27.39 -1.99
C VAL A 524 0.80 28.54 -1.79
N GLY A 525 2.06 28.33 -2.13
CA GLY A 525 3.05 29.36 -1.94
C GLY A 525 3.18 29.69 -0.48
N1 UPG B . -0.54 10.78 -10.83
C2 UPG B . -0.88 11.22 -12.12
N3 UPG B . -0.55 12.45 -12.53
C4 UPG B . 0.14 13.28 -11.73
C5 UPG B . 0.51 12.87 -10.45
C6 UPG B . 0.16 11.60 -10.00
O2 UPG B . -1.51 10.42 -12.87
O4 UPG B . 0.45 14.43 -12.12
C1C UPG B . -0.94 9.42 -10.43
C2C UPG B . -0.06 8.38 -11.07
O2C UPG B . -0.80 7.17 -11.32
C3C UPG B . 0.93 8.10 -9.97
C4C UPG B . 0.08 8.20 -8.74
O4C UPG B . -0.83 9.27 -9.01
O3C UPG B . 1.58 6.84 -10.10
C5C UPG B . 0.82 8.49 -7.46
O5C UPG B . 1.58 9.67 -7.63
PA UPG B . 2.93 9.82 -6.75
O1A UPG B . 3.76 8.57 -6.77
O2A UPG B . 3.59 11.08 -7.25
O3A UPG B . 2.33 10.15 -5.33
PB UPG B . 2.48 9.36 -3.94
O1B UPG B . 1.91 10.25 -2.87
O2B UPG B . 3.90 8.90 -3.71
O3B UPG B . 1.50 8.11 -4.19
C1' UPG B . 0.82 7.44 -3.15
C2' UPG B . 0.63 6.01 -3.61
C3' UPG B . -0.23 6.01 -4.87
C4' UPG B . -1.53 6.76 -4.64
C5' UPG B . -1.31 8.14 -4.01
C6' UPG B . -2.64 8.79 -3.65
O2' UPG B . 1.90 5.40 -3.85
O3' UPG B . -0.50 4.66 -5.27
O4' UPG B . -2.18 6.93 -5.90
O5' UPG B . -0.44 8.07 -2.86
O6' UPG B . -3.40 7.97 -2.75
MG MG C . 5.29 7.72 -5.09
#